data_3U1D
#
_entry.id   3U1D
#
_cell.length_a   57.214
_cell.length_b   57.214
_cell.length_c   218.354
_cell.angle_alpha   90.00
_cell.angle_beta   90.00
_cell.angle_gamma   90.00
#
_symmetry.space_group_name_H-M   'P 43 21 2'
#
loop_
_entity.id
_entity.type
_entity.pdbx_description
1 polymer 'uncharacterized protein'
2 non-polymer 'CHLORIDE ION'
3 non-polymer DI(HYDROXYETHYL)ETHER
4 non-polymer 1,2-ETHANEDIOL
5 non-polymer 2-AMINO-2-HYDROXYMETHYL-PROPANE-1,3-DIOL
6 water water
#
_entity_poly.entity_id   1
_entity_poly.type   'polypeptide(L)'
_entity_poly.pdbx_seq_one_letter_code
;SNA(MSE)ATQDRGERPNGFGDELERRRFVLHETRLDVLHQILAQPDGVLSVEELLYRNPDETEANLRYHVDELVDRGIV
EKIPVPRAKSVDDPPTTFYAVTGEGIALLRAVS(MSE)YEEAAVWRSVYEQ(MSE)ERTDRIEAIENLETRPDVDYESRG
ATA
;
_entity_poly.pdbx_strand_id   A,B
#
# COMPACT_ATOMS: atom_id res chain seq x y z
N ALA A 5 -2.57 -10.13 -13.47
CA ALA A 5 -3.05 -11.43 -12.94
C ALA A 5 -2.61 -11.64 -11.49
N THR A 6 -3.23 -12.57 -10.76
CA THR A 6 -2.75 -12.86 -9.38
C THR A 6 -1.49 -13.73 -9.46
N GLN A 7 -1.48 -14.59 -10.44
CA GLN A 7 -0.44 -15.61 -10.58
C GLN A 7 -0.18 -15.85 -12.04
N ASP A 8 0.98 -16.41 -12.31
CA ASP A 8 1.35 -16.90 -13.64
C ASP A 8 2.11 -18.23 -13.37
N ARG A 9 1.55 -19.38 -13.80
CA ARG A 9 2.13 -20.69 -13.49
C ARG A 9 2.38 -20.90 -12.00
N GLY A 10 1.51 -20.35 -11.17
CA GLY A 10 1.61 -20.56 -9.73
C GLY A 10 2.62 -19.64 -9.06
N GLU A 11 3.24 -18.75 -9.81
CA GLU A 11 4.23 -17.80 -9.30
C GLU A 11 3.68 -16.40 -9.40
N ARG A 12 4.35 -15.42 -8.78
CA ARG A 12 3.97 -14.03 -9.02
C ARG A 12 4.13 -13.66 -10.49
N PRO A 13 3.28 -12.80 -10.98
CA PRO A 13 3.41 -12.36 -12.36
C PRO A 13 4.64 -11.47 -12.55
N ASN A 14 5.10 -11.37 -13.78
CA ASN A 14 6.35 -10.66 -14.06
C ASN A 14 6.48 -9.23 -13.47
N GLY A 15 5.44 -8.45 -13.50
CA GLY A 15 5.67 -7.06 -13.00
C GLY A 15 5.44 -6.85 -11.50
N PHE A 16 5.37 -7.95 -10.75
CA PHE A 16 4.88 -7.89 -9.39
C PHE A 16 5.76 -7.01 -8.52
N GLY A 17 7.06 -7.27 -8.53
CA GLY A 17 7.99 -6.49 -7.74
C GLY A 17 7.96 -5.00 -8.09
N ASP A 18 7.80 -4.68 -9.38
CA ASP A 18 7.68 -3.29 -9.78
C ASP A 18 6.36 -2.68 -9.29
N GLU A 19 5.28 -3.47 -9.24
CA GLU A 19 4.02 -2.97 -8.69
C GLU A 19 4.16 -2.66 -7.21
N LEU A 20 4.82 -3.55 -6.44
CA LEU A 20 5.07 -3.27 -5.04
C LEU A 20 5.88 -1.97 -4.83
N GLU A 21 6.90 -1.78 -5.68
CA GLU A 21 7.73 -0.57 -5.59
C GLU A 21 6.87 0.66 -5.83
N ARG A 22 6.00 0.60 -6.81
CA ARG A 22 5.10 1.73 -7.13
C ARG A 22 4.19 2.06 -5.95
N ARG A 23 3.64 1.03 -5.31
CA ARG A 23 2.81 1.20 -4.12
C ARG A 23 3.61 1.75 -2.95
N ARG A 24 4.85 1.29 -2.72
CA ARG A 24 5.63 1.83 -1.63
C ARG A 24 5.99 3.27 -1.93
N PHE A 25 6.22 3.60 -3.21
CA PHE A 25 6.62 4.97 -3.62
C PHE A 25 5.57 5.98 -3.22
N VAL A 26 4.31 5.65 -3.40
CA VAL A 26 3.22 6.59 -3.12
C VAL A 26 2.98 6.73 -1.63
N LEU A 27 3.45 5.76 -0.84
CA LEU A 27 3.27 5.79 0.61
C LEU A 27 4.37 6.62 1.30
N HIS A 28 4.32 7.92 1.07
CA HIS A 28 5.34 8.87 1.47
C HIS A 28 4.60 10.08 1.90
N GLU A 29 4.92 10.60 3.07
CA GLU A 29 4.10 11.64 3.64
C GLU A 29 4.01 12.91 2.79
N THR A 30 5.12 13.42 2.25
CA THR A 30 5.02 14.62 1.41
C THR A 30 4.31 14.38 0.10
N ARG A 31 4.52 13.22 -0.52
CA ARG A 31 3.80 12.91 -1.74
C ARG A 31 2.32 12.79 -1.50
N LEU A 32 1.91 12.15 -0.39
CA LEU A 32 0.49 12.06 -0.06
C LEU A 32 -0.10 13.42 0.33
N ASP A 33 0.68 14.25 1.01
CA ASP A 33 0.24 15.64 1.24
C ASP A 33 -0.11 16.33 -0.08
N VAL A 34 0.77 16.23 -1.08
CA VAL A 34 0.53 16.81 -2.40
C VAL A 34 -0.69 16.23 -3.06
N LEU A 35 -0.79 14.91 -3.07
CA LEU A 35 -1.92 14.28 -3.73
C LEU A 35 -3.24 14.60 -3.04
N HIS A 36 -3.27 14.58 -1.71
CA HIS A 36 -4.49 14.88 -0.97
C HIS A 36 -4.87 16.34 -1.12
N GLN A 37 -3.88 17.23 -1.20
CA GLN A 37 -4.15 18.66 -1.38
C GLN A 37 -4.78 18.92 -2.74
N ILE A 38 -4.25 18.27 -3.75
CA ILE A 38 -4.79 18.40 -5.08
C ILE A 38 -6.23 17.91 -5.08
N LEU A 39 -6.46 16.69 -4.55
CA LEU A 39 -7.78 16.13 -4.60
C LEU A 39 -8.81 16.93 -3.76
N ALA A 40 -8.36 17.50 -2.63
CA ALA A 40 -9.22 18.25 -1.74
C ALA A 40 -9.64 19.62 -2.32
N GLN A 41 -8.88 20.14 -3.29
CA GLN A 41 -9.20 21.42 -3.94
C GLN A 41 -10.46 21.23 -4.78
N PRO A 42 -11.40 22.18 -4.70
CA PRO A 42 -12.70 21.94 -5.34
C PRO A 42 -12.63 21.60 -6.83
N ASP A 43 -11.72 22.21 -7.59
CA ASP A 43 -11.54 21.88 -9.03
C ASP A 43 -10.42 20.85 -9.30
N GLY A 44 -9.81 20.35 -8.22
CA GLY A 44 -8.86 19.26 -8.33
C GLY A 44 -7.57 19.56 -9.08
N VAL A 45 -7.19 20.82 -9.11
CA VAL A 45 -5.89 21.21 -9.70
C VAL A 45 -5.20 22.19 -8.78
N LEU A 46 -3.87 22.13 -8.73
CA LEU A 46 -3.06 23.08 -8.01
C LEU A 46 -1.76 23.39 -8.78
N SER A 47 -1.28 24.63 -8.62
CA SER A 47 0.03 25.03 -9.11
C SER A 47 1.09 24.75 -8.04
N VAL A 48 2.33 24.73 -8.43
CA VAL A 48 3.44 24.65 -7.47
C VAL A 48 3.39 25.80 -6.46
N GLU A 49 3.02 27.00 -6.90
CA GLU A 49 2.96 28.12 -6.02
C GLU A 49 1.93 27.86 -4.89
N GLU A 50 0.80 27.30 -5.26
CA GLU A 50 -0.24 26.92 -4.30
C GLU A 50 0.18 25.76 -3.36
N LEU A 51 0.97 24.81 -3.87
CA LEU A 51 1.48 23.73 -3.07
C LEU A 51 2.53 24.23 -2.08
N LEU A 52 3.37 25.19 -2.51
CA LEU A 52 4.31 25.82 -1.58
C LEU A 52 3.61 26.48 -0.41
N TYR A 53 2.49 27.16 -0.69
CA TYR A 53 1.70 27.81 0.36
C TYR A 53 1.12 26.84 1.38
N ARG A 54 0.67 25.70 0.89
CA ARG A 54 0.09 24.67 1.75
C ARG A 54 1.16 23.88 2.52
N ASN A 55 2.41 23.94 2.07
CA ASN A 55 3.49 23.13 2.68
C ASN A 55 4.68 24.02 3.01
N PRO A 56 4.46 24.96 3.92
CA PRO A 56 5.47 26.02 4.17
C PRO A 56 6.78 25.54 4.80
N ASP A 57 6.79 24.34 5.36
CA ASP A 57 8.03 23.75 5.86
C ASP A 57 8.88 23.09 4.79
N GLU A 58 8.41 22.99 3.55
CA GLU A 58 9.21 22.37 2.48
C GLU A 58 9.78 23.38 1.51
N THR A 59 10.93 23.08 0.94
CA THR A 59 11.52 23.95 -0.07
C THR A 59 10.84 23.73 -1.40
N GLU A 60 10.87 24.75 -2.25
CA GLU A 60 10.44 24.61 -3.60
C GLU A 60 11.17 23.47 -4.29
N ALA A 61 12.49 23.37 -4.09
CA ALA A 61 13.25 22.30 -4.75
C ALA A 61 12.75 20.87 -4.34
N ASN A 62 12.39 20.73 -3.07
CA ASN A 62 11.93 19.45 -2.56
C ASN A 62 10.55 19.15 -3.12
N LEU A 63 9.68 20.14 -3.13
CA LEU A 63 8.32 19.94 -3.64
C LEU A 63 8.34 19.61 -5.10
N ARG A 64 9.14 20.31 -5.90
CA ARG A 64 9.32 19.99 -7.31
C ARG A 64 9.87 18.62 -7.56
N TYR A 65 10.76 18.17 -6.68
CA TYR A 65 11.33 16.85 -6.82
C TYR A 65 10.21 15.84 -6.71
N HIS A 66 9.33 16.00 -5.72
CA HIS A 66 8.22 15.03 -5.56
C HIS A 66 7.16 15.12 -6.64
N VAL A 67 6.85 16.35 -7.04
CA VAL A 67 5.87 16.53 -8.14
C VAL A 67 6.40 15.93 -9.45
N ASP A 68 7.66 16.18 -9.78
CA ASP A 68 8.26 15.67 -11.01
C ASP A 68 8.28 14.14 -11.02
N GLU A 69 8.60 13.54 -9.87
N GLU A 69 8.56 13.50 -9.90
CA GLU A 69 8.61 12.07 -9.74
CA GLU A 69 8.57 12.04 -9.91
C GLU A 69 7.19 11.52 -9.97
C GLU A 69 7.15 11.50 -10.02
N LEU A 70 6.19 12.18 -9.37
CA LEU A 70 4.78 11.80 -9.48
C LEU A 70 4.30 11.89 -10.91
N VAL A 71 4.73 12.93 -11.60
CA VAL A 71 4.40 13.07 -13.03
C VAL A 71 5.07 11.98 -13.86
N ASP A 72 6.35 11.73 -13.62
N ASP A 72 6.36 11.74 -13.61
CA ASP A 72 7.08 10.74 -14.40
CA ASP A 72 7.16 10.73 -14.32
C ASP A 72 6.40 9.38 -14.27
C ASP A 72 6.55 9.34 -14.20
N ARG A 73 5.90 9.05 -13.08
CA ARG A 73 5.22 7.80 -12.87
C ARG A 73 3.75 7.74 -13.31
N GLY A 74 3.22 8.82 -13.84
CA GLY A 74 1.88 8.86 -14.41
C GLY A 74 0.80 9.01 -13.34
N ILE A 75 1.19 9.34 -12.11
CA ILE A 75 0.29 9.50 -10.98
C ILE A 75 -0.36 10.88 -11.01
N VAL A 76 0.43 11.87 -11.43
CA VAL A 76 0.01 13.28 -11.54
C VAL A 76 0.17 13.69 -12.99
N GLU A 77 -0.75 14.51 -13.47
CA GLU A 77 -0.72 15.06 -14.83
C GLU A 77 -0.25 16.50 -14.77
N LYS A 78 0.71 16.85 -15.61
N LYS A 78 0.71 16.85 -15.62
CA LYS A 78 1.21 18.22 -15.76
CA LYS A 78 1.21 18.21 -15.77
C LYS A 78 0.38 18.87 -16.87
C LYS A 78 0.39 18.88 -16.86
N ILE A 79 -0.31 19.97 -16.54
CA ILE A 79 -1.19 20.65 -17.48
C ILE A 79 -0.70 22.09 -17.74
N PRO A 80 -0.06 22.34 -18.86
CA PRO A 80 0.33 23.72 -19.17
C PRO A 80 -0.87 24.52 -19.56
N VAL A 81 -0.92 25.78 -19.18
CA VAL A 81 -2.05 26.63 -19.50
C VAL A 81 -1.57 27.98 -19.97
N PRO A 82 -2.46 28.75 -20.63
CA PRO A 82 -2.03 30.07 -21.06
C PRO A 82 -1.73 30.99 -19.90
N ARG A 83 -1.03 32.08 -20.19
CA ARG A 83 -0.85 33.14 -19.25
C ARG A 83 -2.14 33.90 -18.96
N ALA A 84 -2.58 33.92 -17.69
CA ALA A 84 -3.74 34.70 -17.31
C ALA A 84 -3.46 36.23 -17.45
N LYS A 85 -4.41 36.95 -18.00
CA LYS A 85 -4.18 38.38 -18.34
C LYS A 85 -4.21 39.30 -17.12
N SER A 86 -4.85 38.86 -16.05
CA SER A 86 -5.25 39.77 -14.98
C SER A 86 -4.20 39.97 -13.88
N VAL A 87 -3.08 39.24 -13.97
CA VAL A 87 -2.26 38.94 -12.83
C VAL A 87 -0.78 38.96 -13.25
N ASP A 88 0.11 39.49 -12.41
CA ASP A 88 1.54 39.40 -12.70
C ASP A 88 2.02 37.97 -12.49
N ASP A 89 2.89 37.52 -13.39
CA ASP A 89 3.59 36.22 -13.32
C ASP A 89 2.70 35.10 -12.80
N PRO A 90 1.58 34.87 -13.48
CA PRO A 90 0.72 33.80 -13.00
C PRO A 90 1.31 32.45 -13.25
N PRO A 91 0.88 31.44 -12.46
CA PRO A 91 1.26 30.07 -12.81
C PRO A 91 0.78 29.69 -14.20
N THR A 92 1.62 29.02 -14.96
CA THR A 92 1.25 28.53 -16.26
C THR A 92 1.32 27.01 -16.34
N THR A 93 1.46 26.35 -15.20
CA THR A 93 1.35 24.90 -15.13
C THR A 93 0.51 24.57 -13.95
N PHE A 94 -0.48 23.67 -14.14
CA PHE A 94 -1.27 23.17 -13.07
C PHE A 94 -1.13 21.65 -13.04
N TYR A 95 -1.43 21.06 -11.89
CA TYR A 95 -1.25 19.62 -11.72
C TYR A 95 -2.55 19.01 -11.24
N ALA A 96 -2.91 17.86 -11.80
CA ALA A 96 -4.12 17.10 -11.45
C ALA A 96 -3.70 15.65 -11.16
N VAL A 97 -4.51 14.90 -10.44
CA VAL A 97 -4.25 13.46 -10.27
C VAL A 97 -4.87 12.70 -11.46
N THR A 98 -4.14 11.73 -11.99
CA THR A 98 -4.68 10.94 -13.11
C THR A 98 -5.62 9.81 -12.64
N GLY A 99 -6.31 9.17 -13.59
CA GLY A 99 -7.06 7.96 -13.29
C GLY A 99 -6.20 6.90 -12.66
N GLU A 100 -5.02 6.71 -13.24
CA GLU A 100 -4.10 5.71 -12.70
C GLU A 100 -3.66 6.07 -11.28
N GLY A 101 -3.45 7.35 -11.03
CA GLY A 101 -3.11 7.80 -9.68
C GLY A 101 -4.21 7.55 -8.69
N ILE A 102 -5.47 7.84 -9.07
CA ILE A 102 -6.60 7.54 -8.17
C ILE A 102 -6.65 6.01 -7.89
N ALA A 103 -6.43 5.23 -8.93
CA ALA A 103 -6.44 3.74 -8.78
C ALA A 103 -5.35 3.28 -7.82
N LEU A 104 -4.17 3.89 -7.90
CA LEU A 104 -3.08 3.58 -7.06
C LEU A 104 -3.38 3.95 -5.62
N LEU A 105 -3.96 5.14 -5.40
CA LEU A 105 -4.31 5.56 -4.06
C LEU A 105 -5.34 4.62 -3.44
N ARG A 106 -6.35 4.22 -4.21
CA ARG A 106 -7.36 3.24 -3.74
C ARG A 106 -6.67 1.91 -3.33
N ALA A 107 -5.70 1.47 -4.13
CA ALA A 107 -5.01 0.20 -3.89
C ALA A 107 -4.25 0.19 -2.56
N VAL A 108 -3.79 1.35 -2.05
CA VAL A 108 -3.10 1.44 -0.75
C VAL A 108 -3.97 2.14 0.31
N SER A 109 -5.28 2.25 0.03
CA SER A 109 -6.26 2.78 0.96
C SER A 109 -5.96 4.21 1.39
N TYR A 111 -7.04 6.93 -0.86
CA TYR A 111 -7.84 7.84 -1.73
C TYR A 111 -8.92 8.54 -0.91
N GLU A 112 -9.68 7.79 -0.14
CA GLU A 112 -10.78 8.40 0.66
C GLU A 112 -10.28 9.41 1.70
N GLU A 113 -9.04 9.21 2.16
CA GLU A 113 -8.43 10.16 3.08
C GLU A 113 -8.43 11.59 2.55
N ALA A 114 -8.37 11.81 1.23
CA ALA A 114 -8.33 13.19 0.72
C ALA A 114 -9.58 14.00 1.13
N ALA A 115 -10.75 13.36 1.09
CA ALA A 115 -12.03 14.05 1.36
C ALA A 115 -12.08 14.65 2.76
N VAL A 116 -11.40 13.97 3.68
CA VAL A 116 -11.29 14.37 5.08
C VAL A 116 -10.75 15.78 5.22
N TRP A 117 -9.89 16.20 4.28
CA TRP A 117 -9.21 17.52 4.28
C TRP A 117 -9.84 18.67 3.52
N ARG A 118 -10.97 18.46 2.84
CA ARG A 118 -11.59 19.50 2.04
C ARG A 118 -11.90 20.76 2.85
N SER A 119 -12.57 20.58 3.99
CA SER A 119 -12.94 21.76 4.77
C SER A 119 -11.72 22.45 5.41
N VAL A 120 -10.70 21.70 5.82
CA VAL A 120 -9.46 22.33 6.30
C VAL A 120 -8.89 23.30 5.24
N TYR A 121 -8.74 22.84 3.99
CA TYR A 121 -8.22 23.74 2.94
C TYR A 121 -9.22 24.79 2.50
N GLU A 122 -10.51 24.48 2.54
CA GLU A 122 -11.50 25.52 2.30
C GLU A 122 -11.39 26.64 3.31
N GLN A 123 -11.14 26.32 4.58
CA GLN A 123 -11.11 27.37 5.64
C GLN A 123 -9.77 28.05 5.83
N GLU A 125 -6.52 30.25 5.88
CA GLU A 125 -6.31 31.67 5.66
C GLU A 125 -5.50 31.88 4.37
N ARG A 126 -5.97 32.78 3.51
CA ARG A 126 -5.34 33.01 2.21
C ARG A 126 -4.86 34.44 2.03
N THR A 127 -3.67 34.59 1.46
CA THR A 127 -3.18 35.88 1.02
C THR A 127 -3.93 36.34 -0.23
N ASP A 128 -3.85 37.63 -0.53
CA ASP A 128 -4.44 38.16 -1.76
C ASP A 128 -3.95 37.40 -3.01
N ARG A 129 -2.68 37.05 -3.00
CA ARG A 129 -2.01 36.42 -4.13
C ARG A 129 -2.59 35.03 -4.37
N ILE A 130 -2.78 34.28 -3.28
CA ILE A 130 -3.42 32.93 -3.39
C ILE A 130 -4.86 33.05 -3.84
N GLU A 131 -5.60 34.03 -3.30
CA GLU A 131 -6.96 34.26 -3.83
C GLU A 131 -6.99 34.58 -5.33
N ALA A 132 -6.00 35.32 -5.79
CA ALA A 132 -5.91 35.67 -7.21
C ALA A 132 -5.68 34.40 -8.08
N ILE A 133 -4.80 33.52 -7.62
CA ILE A 133 -4.52 32.25 -8.30
C ILE A 133 -5.72 31.30 -8.31
N GLU A 134 -6.44 31.26 -7.22
CA GLU A 134 -7.61 30.38 -7.14
C GLU A 134 -8.73 30.84 -8.03
N ASN A 135 -8.68 32.11 -8.44
CA ASN A 135 -9.70 32.67 -9.30
C ASN A 135 -9.23 32.87 -10.71
N LEU A 136 -8.07 32.33 -11.09
CA LEU A 136 -7.56 32.55 -12.45
C LEU A 136 -8.44 31.89 -13.48
N GLU A 137 -8.66 32.60 -14.57
CA GLU A 137 -9.51 32.12 -15.66
C GLU A 137 -8.83 30.95 -16.40
N THR A 138 -7.54 30.77 -16.19
CA THR A 138 -6.79 29.74 -16.92
C THR A 138 -6.64 28.43 -16.16
N ARG A 139 -7.23 28.30 -14.97
CA ARG A 139 -7.24 27.04 -14.25
C ARG A 139 -7.93 25.98 -15.12
N PRO A 140 -7.30 24.82 -15.31
CA PRO A 140 -7.92 23.81 -16.18
C PRO A 140 -9.18 23.18 -15.57
N ASP A 141 -10.09 22.72 -16.43
CA ASP A 141 -11.32 22.03 -15.99
C ASP A 141 -11.10 20.57 -16.25
N VAL A 142 -10.87 19.82 -15.20
CA VAL A 142 -10.64 18.40 -15.31
C VAL A 142 -11.90 17.59 -14.97
N ASP A 143 -12.18 16.61 -15.81
CA ASP A 143 -13.32 15.73 -15.61
C ASP A 143 -12.88 14.57 -14.73
N TYR A 144 -13.11 14.70 -13.42
CA TYR A 144 -12.66 13.71 -12.45
C TYR A 144 -13.57 12.48 -12.43
N GLU A 145 -14.85 12.66 -12.77
CA GLU A 145 -15.77 11.52 -12.89
C GLU A 145 -15.19 10.47 -13.82
N SER A 146 -14.65 10.89 -14.96
CA SER A 146 -14.08 9.94 -15.92
C SER A 146 -12.77 9.29 -15.47
N ARG A 147 -12.16 9.83 -14.41
CA ARG A 147 -10.96 9.25 -13.82
C ARG A 147 -11.21 8.38 -12.62
N GLY A 148 -12.46 8.05 -12.33
CA GLY A 148 -12.79 7.12 -11.24
C GLY A 148 -12.95 7.76 -9.87
N ALA A 149 -13.02 9.09 -9.80
CA ALA A 149 -13.20 9.80 -8.53
C ALA A 149 -14.58 9.49 -7.96
N THR A 150 -14.70 9.49 -6.63
CA THR A 150 -16.05 9.37 -6.02
C THR A 150 -16.75 10.73 -6.09
N ALA A 151 -18.01 10.75 -6.53
CA ALA A 151 -18.75 12.01 -6.78
C ALA A 151 -19.12 12.77 -5.50
N ASP B 8 -3.06 26.38 10.40
CA ASP B 8 -4.37 26.05 9.74
C ASP B 8 -4.25 25.43 8.31
N ARG B 9 -3.07 24.91 7.96
CA ARG B 9 -2.81 24.44 6.57
C ARG B 9 -2.64 22.93 6.50
N GLY B 10 -3.10 22.26 7.57
CA GLY B 10 -3.09 20.78 7.69
C GLY B 10 -1.91 20.18 8.43
N GLU B 11 -2.08 19.86 9.72
CA GLU B 11 -1.12 19.00 10.42
C GLU B 11 -1.71 17.60 10.56
N ARG B 12 -0.97 16.58 10.15
CA ARG B 12 -1.31 15.20 10.51
C ARG B 12 -0.67 14.86 11.85
N PRO B 13 -1.20 13.87 12.58
CA PRO B 13 -0.40 13.30 13.71
C PRO B 13 0.92 12.59 13.26
N ASN B 14 1.79 12.23 14.22
CA ASN B 14 2.95 11.34 13.93
C ASN B 14 2.54 9.91 13.63
N GLY B 15 1.38 9.54 14.17
CA GLY B 15 0.84 8.22 13.86
C GLY B 15 0.75 7.97 12.34
N PHE B 16 0.52 9.03 11.56
CA PHE B 16 0.40 8.88 10.11
C PHE B 16 1.65 8.30 9.43
N GLY B 17 2.80 8.91 9.69
CA GLY B 17 4.08 8.42 9.15
C GLY B 17 4.33 6.95 9.53
N ASP B 18 3.99 6.58 10.77
CA ASP B 18 4.19 5.18 11.20
C ASP B 18 3.26 4.21 10.48
N GLU B 19 2.04 4.63 10.18
CA GLU B 19 1.12 3.78 9.42
C GLU B 19 1.61 3.63 7.98
N LEU B 20 2.11 4.69 7.38
CA LEU B 20 2.73 4.52 6.05
C LEU B 20 3.88 3.50 6.08
N GLU B 21 4.72 3.57 7.12
CA GLU B 21 5.85 2.65 7.22
C GLU B 21 5.42 1.19 7.38
N ARG B 22 4.36 0.96 8.14
CA ARG B 22 3.78 -0.34 8.28
C ARG B 22 3.26 -0.90 6.96
N ARG B 23 2.58 -0.06 6.18
CA ARG B 23 2.13 -0.46 4.86
C ARG B 23 3.30 -0.75 3.90
N ARG B 24 4.33 0.09 3.89
CA ARG B 24 5.49 -0.19 3.04
C ARG B 24 6.16 -1.52 3.43
N PHE B 25 6.16 -1.80 4.71
CA PHE B 25 6.84 -3.00 5.24
C PHE B 25 6.19 -4.25 4.68
N VAL B 26 4.84 -4.30 4.64
CA VAL B 26 4.18 -5.48 4.18
C VAL B 26 4.20 -5.62 2.70
N LEU B 27 4.43 -4.53 1.97
CA LEU B 27 4.51 -4.57 0.49
C LEU B 27 5.89 -5.02 0.09
N HIS B 28 6.16 -6.31 0.36
CA HIS B 28 7.44 -6.92 0.16
C HIS B 28 7.21 -8.32 -0.35
N GLU B 29 7.84 -8.70 -1.47
CA GLU B 29 7.45 -9.92 -2.15
C GLU B 29 7.66 -11.17 -1.26
N THR B 30 8.79 -11.28 -0.53
CA THR B 30 8.99 -12.48 0.31
C THR B 30 8.03 -12.52 1.47
N ARG B 31 7.77 -11.36 2.08
CA ARG B 31 6.81 -11.31 3.17
C ARG B 31 5.38 -11.62 2.72
N LEU B 32 4.99 -11.11 1.57
CA LEU B 32 3.68 -11.44 0.99
C LEU B 32 3.58 -12.93 0.61
N ASP B 33 4.66 -13.53 0.12
CA ASP B 33 4.69 -14.95 -0.14
C ASP B 33 4.44 -15.71 1.14
N VAL B 34 5.16 -15.38 2.21
CA VAL B 34 4.91 -16.02 3.51
C VAL B 34 3.44 -15.92 3.95
N LEU B 35 2.91 -14.71 3.89
CA LEU B 35 1.57 -14.46 4.36
C LEU B 35 0.52 -15.20 3.52
N HIS B 36 0.64 -15.12 2.20
CA HIS B 36 -0.28 -15.81 1.30
C HIS B 36 -0.18 -17.33 1.46
N GLN B 37 1.03 -17.84 1.68
CA GLN B 37 1.22 -19.28 1.90
C GLN B 37 0.53 -19.73 3.16
N ILE B 38 0.63 -18.95 4.25
CA ILE B 38 -0.05 -19.28 5.51
C ILE B 38 -1.58 -19.24 5.32
N LEU B 39 -2.06 -18.18 4.73
CA LEU B 39 -3.50 -18.04 4.48
C LEU B 39 -4.03 -19.12 3.53
N ALA B 40 -3.22 -19.58 2.58
CA ALA B 40 -3.57 -20.61 1.62
C ALA B 40 -3.76 -21.98 2.22
N GLN B 41 -3.08 -22.24 3.32
CA GLN B 41 -3.10 -23.56 3.94
C GLN B 41 -4.48 -23.80 4.53
N PRO B 42 -5.09 -24.98 4.24
CA PRO B 42 -6.46 -25.13 4.74
C PRO B 42 -6.65 -24.92 6.25
N ASP B 43 -5.73 -25.34 7.13
CA ASP B 43 -5.91 -25.04 8.56
C ASP B 43 -5.24 -23.72 8.98
N GLY B 44 -4.66 -23.02 8.01
CA GLY B 44 -4.17 -21.64 8.24
C GLY B 44 -2.92 -21.49 9.08
N VAL B 45 -2.18 -22.59 9.26
CA VAL B 45 -0.93 -22.47 10.02
C VAL B 45 0.17 -23.16 9.24
N LEU B 46 1.41 -22.66 9.36
CA LEU B 46 2.57 -23.31 8.75
C LEU B 46 3.76 -23.26 9.68
N SER B 47 4.55 -24.34 9.67
CA SER B 47 5.88 -24.37 10.35
C SER B 47 6.94 -23.74 9.47
N VAL B 48 8.05 -23.34 10.08
CA VAL B 48 9.23 -22.95 9.27
C VAL B 48 9.63 -24.05 8.29
N GLU B 49 9.61 -25.33 8.69
CA GLU B 49 9.97 -26.40 7.74
C GLU B 49 9.10 -26.32 6.48
N GLU B 50 7.82 -26.12 6.69
CA GLU B 50 6.85 -25.99 5.58
C GLU B 50 7.09 -24.74 4.74
N LEU B 51 7.47 -23.63 5.39
CA LEU B 51 7.81 -22.39 4.66
C LEU B 51 9.09 -22.54 3.84
N LEU B 52 10.10 -23.23 4.39
CA LEU B 52 11.36 -23.46 3.67
C LEU B 52 11.06 -24.27 2.42
N TYR B 53 10.18 -25.27 2.59
CA TYR B 53 9.79 -26.08 1.45
C TYR B 53 9.17 -25.32 0.30
N ARG B 54 8.30 -24.38 0.64
CA ARG B 54 7.64 -23.53 -0.32
C ARG B 54 8.53 -22.43 -0.91
N ASN B 55 9.64 -22.09 -0.25
CA ASN B 55 10.51 -20.97 -0.68
C ASN B 55 11.97 -21.42 -0.77
N PRO B 56 12.24 -22.36 -1.69
CA PRO B 56 13.54 -23.01 -1.69
C PRO B 56 14.68 -22.12 -2.18
N ASP B 57 14.35 -21.02 -2.85
CA ASP B 57 15.38 -20.04 -3.25
C ASP B 57 15.83 -19.13 -2.11
N GLU B 58 15.14 -19.11 -0.98
CA GLU B 58 15.54 -18.25 0.15
C GLU B 58 16.48 -18.97 1.09
N THR B 59 17.42 -18.26 1.70
CA THR B 59 18.27 -18.86 2.79
C THR B 59 17.37 -19.06 4.03
N GLU B 60 17.63 -20.10 4.85
CA GLU B 60 16.81 -20.28 6.03
C GLU B 60 16.94 -19.03 6.90
N ALA B 61 18.16 -18.45 7.02
CA ALA B 61 18.34 -17.26 7.88
C ALA B 61 17.47 -16.10 7.37
N ASN B 62 17.35 -15.96 6.07
CA ASN B 62 16.58 -14.82 5.53
C ASN B 62 15.08 -15.09 5.68
N LEU B 63 14.64 -16.35 5.50
CA LEU B 63 13.26 -16.69 5.68
C LEU B 63 12.85 -16.50 7.14
N ARG B 64 13.70 -16.91 8.05
CA ARG B 64 13.44 -16.71 9.44
C ARG B 64 13.47 -15.26 9.84
N TYR B 65 14.31 -14.45 9.19
CA TYR B 65 14.34 -13.04 9.43
C TYR B 65 12.95 -12.46 9.11
N HIS B 66 12.41 -12.79 7.96
CA HIS B 66 11.10 -12.24 7.56
C HIS B 66 9.99 -12.67 8.47
N VAL B 67 9.99 -13.94 8.85
CA VAL B 67 8.99 -14.43 9.82
C VAL B 67 9.07 -13.71 11.17
N ASP B 68 10.29 -13.60 11.70
CA ASP B 68 10.48 -12.89 12.97
C ASP B 68 10.05 -11.42 12.86
N GLU B 69 10.37 -10.75 11.77
CA GLU B 69 9.95 -9.33 11.58
C GLU B 69 8.41 -9.24 11.57
N LEU B 70 7.77 -10.17 10.89
CA LEU B 70 6.27 -10.22 10.85
C LEU B 70 5.68 -10.48 12.24
N VAL B 71 6.30 -11.36 13.03
CA VAL B 71 5.84 -11.61 14.39
C VAL B 71 6.07 -10.37 15.26
N ASP B 72 7.24 -9.75 15.16
CA ASP B 72 7.51 -8.53 15.96
C ASP B 72 6.55 -7.42 15.69
N ARG B 73 6.01 -7.35 14.49
CA ARG B 73 5.03 -6.30 14.22
C ARG B 73 3.58 -6.70 14.46
N GLY B 74 3.40 -7.92 14.94
CA GLY B 74 2.10 -8.46 15.29
C GLY B 74 1.25 -8.86 14.10
N ILE B 75 1.87 -9.07 12.94
CA ILE B 75 1.17 -9.41 11.71
C ILE B 75 0.97 -10.95 11.67
N VAL B 76 1.92 -11.67 12.27
CA VAL B 76 1.92 -13.12 12.37
C VAL B 76 2.03 -13.45 13.85
N GLU B 77 1.38 -14.57 14.23
CA GLU B 77 1.36 -15.12 15.57
C GLU B 77 2.27 -16.36 15.60
N LYS B 78 3.14 -16.46 16.59
CA LYS B 78 3.97 -17.67 16.79
C LYS B 78 3.28 -18.54 17.83
N ILE B 79 3.07 -19.81 17.50
CA ILE B 79 2.25 -20.70 18.34
C ILE B 79 3.07 -21.96 18.67
N PRO B 80 3.57 -22.04 19.89
CA PRO B 80 4.20 -23.23 20.42
C PRO B 80 3.20 -24.35 20.59
N VAL B 81 3.60 -25.58 20.26
CA VAL B 81 2.73 -26.75 20.46
C VAL B 81 3.56 -27.91 20.99
N PRO B 82 2.91 -28.92 21.58
CA PRO B 82 3.66 -30.10 22.01
C PRO B 82 4.37 -30.84 20.86
N ARG B 83 5.34 -31.64 21.24
CA ARG B 83 6.08 -32.48 20.32
C ARG B 83 5.24 -33.71 19.95
N ALA B 84 4.93 -33.87 18.66
CA ALA B 84 4.09 -35.00 18.23
C ALA B 84 4.86 -36.34 18.39
N LYS B 85 4.18 -37.38 18.84
CA LYS B 85 4.79 -38.74 18.90
C LYS B 85 4.94 -39.42 17.54
N SER B 86 4.09 -39.04 16.60
CA SER B 86 3.93 -39.77 15.33
C SER B 86 5.05 -39.63 14.30
N VAL B 87 5.89 -38.59 14.39
CA VAL B 87 6.90 -38.40 13.35
C VAL B 87 8.19 -38.03 14.01
N ASP B 88 9.32 -38.32 13.35
CA ASP B 88 10.64 -37.93 13.86
C ASP B 88 10.85 -36.43 13.75
N ASP B 89 11.31 -35.82 14.86
CA ASP B 89 11.71 -34.43 14.87
C ASP B 89 10.62 -33.50 14.28
N PRO B 90 9.42 -33.56 14.86
CA PRO B 90 8.33 -32.73 14.31
C PRO B 90 8.50 -31.26 14.64
N PRO B 91 7.88 -30.39 13.86
CA PRO B 91 7.87 -29.00 14.26
C PRO B 91 7.09 -28.82 15.54
N THR B 92 7.55 -27.90 16.38
CA THR B 92 6.89 -27.57 17.63
C THR B 92 6.53 -26.08 17.70
N THR B 93 6.69 -25.35 16.59
CA THR B 93 6.15 -24.01 16.45
C THR B 93 5.45 -23.86 15.11
N PHE B 94 4.26 -23.27 15.15
CA PHE B 94 3.49 -22.98 13.95
C PHE B 94 3.19 -21.51 13.91
N TYR B 95 2.92 -21.02 12.70
CA TYR B 95 2.70 -19.60 12.50
C TYR B 95 1.34 -19.38 11.80
N ALA B 96 0.64 -18.34 12.27
CA ALA B 96 -0.64 -17.95 11.75
C ALA B 96 -0.71 -16.45 11.51
N VAL B 97 -1.56 -16.02 10.60
CA VAL B 97 -1.73 -14.58 10.41
C VAL B 97 -2.69 -14.07 11.48
N THR B 98 -2.44 -12.88 12.00
CA THR B 98 -3.28 -12.34 13.04
C THR B 98 -4.43 -11.53 12.45
N GLY B 99 -5.41 -11.19 13.29
CA GLY B 99 -6.46 -10.20 12.91
C GLY B 99 -5.88 -8.88 12.40
N GLU B 100 -4.90 -8.37 13.12
CA GLU B 100 -4.25 -7.16 12.71
C GLU B 100 -3.53 -7.34 11.37
N GLY B 101 -2.96 -8.52 11.14
CA GLY B 101 -2.31 -8.81 9.85
C GLY B 101 -3.29 -8.82 8.67
N ILE B 102 -4.45 -9.42 8.90
CA ILE B 102 -5.53 -9.39 7.90
C ILE B 102 -5.98 -7.94 7.55
N ALA B 103 -6.13 -7.11 8.57
CA ALA B 103 -6.53 -5.72 8.38
C ALA B 103 -5.49 -4.98 7.55
N LEU B 104 -4.22 -5.29 7.78
CA LEU B 104 -3.13 -4.61 7.09
C LEU B 104 -3.06 -5.07 5.62
N LEU B 105 -3.23 -6.38 5.38
CA LEU B 105 -3.30 -6.89 4.02
C LEU B 105 -4.48 -6.28 3.27
N ARG B 106 -5.62 -6.13 3.93
CA ARG B 106 -6.77 -5.49 3.25
C ARG B 106 -6.47 -3.99 2.91
N ALA B 107 -5.77 -3.33 3.81
CA ALA B 107 -5.41 -1.90 3.63
C ALA B 107 -4.54 -1.74 2.37
N VAL B 108 -3.76 -2.74 2.00
CA VAL B 108 -2.94 -2.64 0.79
C VAL B 108 -3.44 -3.54 -0.35
N SER B 109 -4.70 -3.98 -0.29
CA SER B 109 -5.37 -4.73 -1.35
C SER B 109 -4.76 -6.08 -1.66
N TYR B 111 -5.43 -8.92 0.42
CA TYR B 111 -6.09 -10.04 1.14
C TYR B 111 -6.95 -10.88 0.23
N GLU B 112 -7.64 -10.26 -0.72
N GLU B 112 -7.62 -10.26 -0.71
CA GLU B 112 -8.65 -10.98 -1.55
CA GLU B 112 -8.65 -10.97 -1.50
C GLU B 112 -8.02 -12.13 -2.33
C GLU B 112 -8.08 -12.02 -2.44
N GLU B 113 -6.79 -11.94 -2.78
CA GLU B 113 -6.18 -12.95 -3.61
C GLU B 113 -5.84 -14.27 -2.89
N ALA B 114 -6.00 -14.32 -1.57
CA ALA B 114 -5.71 -15.52 -0.79
C ALA B 114 -6.48 -16.73 -1.33
N ALA B 115 -7.69 -16.52 -1.84
CA ALA B 115 -8.50 -17.64 -2.42
C ALA B 115 -7.79 -18.28 -3.64
N VAL B 116 -7.20 -17.46 -4.52
CA VAL B 116 -6.40 -18.01 -5.61
C VAL B 116 -5.18 -18.76 -5.09
N TRP B 117 -4.53 -18.22 -4.07
CA TRP B 117 -3.36 -18.91 -3.53
C TRP B 117 -3.73 -20.24 -2.92
N ARG B 118 -4.88 -20.32 -2.28
N ARG B 118 -4.88 -20.31 -2.29
CA ARG B 118 -5.34 -21.62 -1.77
CA ARG B 118 -5.34 -21.60 -1.76
C ARG B 118 -5.37 -22.62 -2.91
C ARG B 118 -5.41 -22.63 -2.89
N SER B 119 -5.98 -22.22 -4.02
CA SER B 119 -6.09 -23.09 -5.19
C SER B 119 -4.74 -23.48 -5.79
N VAL B 120 -3.78 -22.55 -5.81
CA VAL B 120 -2.42 -22.80 -6.27
C VAL B 120 -1.74 -23.82 -5.39
N TYR B 121 -1.82 -23.63 -4.09
CA TYR B 121 -1.06 -24.49 -3.16
C TYR B 121 -1.70 -25.88 -2.96
N GLU B 122 -3.00 -26.02 -3.19
CA GLU B 122 -3.61 -27.32 -3.35
C GLU B 122 -2.94 -28.20 -4.38
N GLN B 123 -2.29 -27.61 -5.38
CA GLN B 123 -1.64 -28.36 -6.44
C GLN B 123 -0.12 -28.55 -6.22
N GLU B 125 3.26 -30.04 -5.30
CA GLU B 125 3.85 -31.35 -5.09
C GLU B 125 4.35 -31.48 -3.66
N ARG B 126 3.94 -32.53 -2.98
CA ARG B 126 4.36 -32.80 -1.62
C ARG B 126 5.25 -34.01 -1.49
N THR B 127 6.26 -33.89 -0.66
CA THR B 127 7.02 -35.06 -0.22
C THR B 127 6.26 -35.77 0.89
N ASP B 128 6.65 -37.01 1.21
CA ASP B 128 5.97 -37.71 2.27
C ASP B 128 6.19 -37.01 3.59
N ARG B 129 7.37 -36.40 3.77
CA ARG B 129 7.68 -35.66 4.99
C ARG B 129 6.67 -34.52 5.16
N ILE B 130 6.45 -33.76 4.10
CA ILE B 130 5.48 -32.62 4.19
C ILE B 130 4.07 -33.11 4.42
N GLU B 131 3.67 -34.21 3.76
CA GLU B 131 2.37 -34.82 4.03
C GLU B 131 2.18 -35.19 5.50
N ALA B 132 3.19 -35.82 6.10
CA ALA B 132 3.16 -36.21 7.50
C ALA B 132 3.00 -35.01 8.40
N ILE B 133 3.73 -33.95 8.10
CA ILE B 133 3.67 -32.73 8.91
C ILE B 133 2.27 -32.09 8.76
N GLU B 134 1.68 -32.18 7.58
CA GLU B 134 0.37 -31.58 7.34
C GLU B 134 -0.72 -32.31 8.10
N ASN B 135 -0.45 -33.54 8.47
CA ASN B 135 -1.42 -34.37 9.19
C ASN B 135 -1.18 -34.49 10.68
N LEU B 136 -0.20 -33.78 11.21
CA LEU B 136 0.09 -33.83 12.63
C LEU B 136 -1.08 -33.38 13.48
N GLU B 137 -1.33 -34.19 14.51
CA GLU B 137 -2.36 -33.93 15.49
C GLU B 137 -2.12 -32.69 16.34
N THR B 138 -0.86 -32.27 16.44
CA THR B 138 -0.49 -31.10 17.22
C THR B 138 -0.67 -29.75 16.50
N ARG B 139 -1.04 -29.73 15.21
CA ARG B 139 -1.22 -28.49 14.48
C ARG B 139 -2.33 -27.68 15.13
N PRO B 140 -2.06 -26.41 15.42
CA PRO B 140 -3.13 -25.63 16.04
C PRO B 140 -4.24 -25.32 15.04
N ASP B 141 -5.38 -24.91 15.55
CA ASP B 141 -6.47 -24.57 14.67
C ASP B 141 -6.78 -23.07 14.74
N VAL B 142 -6.84 -22.45 13.58
CA VAL B 142 -7.15 -21.04 13.46
C VAL B 142 -8.28 -20.84 12.43
N ASP B 143 -9.17 -19.89 12.71
CA ASP B 143 -10.31 -19.60 11.85
C ASP B 143 -10.19 -18.19 11.30
N TYR B 144 -9.83 -18.04 10.01
CA TYR B 144 -9.64 -16.72 9.43
C TYR B 144 -10.93 -15.94 9.22
N GLU B 145 -12.05 -16.64 9.18
CA GLU B 145 -13.35 -15.96 9.15
C GLU B 145 -13.59 -15.14 10.42
N SER B 146 -13.40 -15.75 11.58
CA SER B 146 -13.51 -15.04 12.85
C SER B 146 -12.44 -13.95 12.99
N ARG B 147 -11.16 -14.28 12.77
CA ARG B 147 -10.13 -13.26 12.87
C ARG B 147 -10.34 -12.12 11.91
N GLY B 148 -10.86 -12.39 10.72
CA GLY B 148 -11.12 -11.34 9.73
C GLY B 148 -12.31 -10.46 10.09
N ALA B 149 -13.29 -11.02 10.78
CA ALA B 149 -14.49 -10.25 11.17
C ALA B 149 -14.19 -9.37 12.38
N THR B 150 -13.40 -9.87 13.33
CA THR B 150 -12.90 -9.04 14.44
C THR B 150 -11.46 -8.62 14.09
#